data_4EJE
#
_entry.id   4EJE
#
_cell.length_a   105.544
_cell.length_b   105.544
_cell.length_c   75.304
_cell.angle_alpha   90.00
_cell.angle_beta   90.00
_cell.angle_gamma   90.00
#
_symmetry.space_group_name_H-M   'I 4'
#
loop_
_entity.id
_entity.type
_entity.pdbx_description
1 polymer 'Tumor susceptibility gene 101 protein'
2 polymer 'Matrix protein VP40'
3 non-polymer 'SULFATE ION'
4 water water
#
loop_
_entity_poly.entity_id
_entity_poly.type
_entity_poly.pdbx_seq_one_letter_code
_entity_poly.pdbx_strand_id
1 'polypeptide(L)'
;MRGSHHHHHHGMASMAVSESQLKKMVSKYKYRDLTVRETVNVITLYKDLKPVLDSYVFNDGSSRELMNLTGTIPVPYRGN
TYNIPICLWLLDTYPYNPPICFVKPTSSMTIKTGKHVDANGKIYLPYLHEWKHPQSDLLGLIQVMIVVFGDEPPVFSRP
;
A,B
2 'polypeptide(L)' ILPTAPPEY C,D
#
loop_
_chem_comp.id
_chem_comp.type
_chem_comp.name
_chem_comp.formula
SO4 non-polymer 'SULFATE ION' 'O4 S -2'
#
# COMPACT_ATOMS: atom_id res chain seq x y z
N VAL A 17 -13.43 -9.61 -4.41
CA VAL A 17 -13.08 -8.45 -3.52
C VAL A 17 -12.74 -8.93 -2.09
N SER A 18 -13.14 -10.16 -1.71
CA SER A 18 -12.85 -10.71 -0.36
C SER A 18 -11.47 -11.35 -0.19
N GLU A 19 -10.82 -11.08 0.93
CA GLU A 19 -9.46 -11.58 1.12
C GLU A 19 -9.36 -13.10 1.09
N SER A 20 -10.48 -13.77 1.27
CA SER A 20 -10.43 -15.22 1.34
C SER A 20 -10.73 -15.78 -0.04
N GLN A 21 -11.72 -15.19 -0.69
CA GLN A 21 -11.97 -15.43 -2.10
C GLN A 21 -10.72 -15.25 -2.98
N LEU A 22 -9.86 -14.29 -2.65
CA LEU A 22 -8.62 -14.12 -3.38
C LEU A 22 -7.63 -15.26 -3.23
N LYS A 23 -7.57 -15.83 -2.01
CA LYS A 23 -6.67 -16.94 -1.67
C LYS A 23 -6.99 -18.13 -2.55
N LYS A 24 -8.29 -18.33 -2.76
CA LYS A 24 -8.85 -19.30 -3.71
C LYS A 24 -8.40 -19.05 -5.16
N MET A 25 -8.61 -17.83 -5.66
CA MET A 25 -8.15 -17.43 -6.99
C MET A 25 -6.65 -17.68 -7.27
N VAL A 26 -5.78 -17.48 -6.29
CA VAL A 26 -4.35 -17.64 -6.52
C VAL A 26 -3.77 -18.90 -5.83
N SER A 27 -4.69 -19.81 -5.54
CA SER A 27 -4.33 -20.98 -4.72
C SER A 27 -3.14 -21.76 -5.28
N LYS A 28 -2.93 -21.73 -6.59
CA LYS A 28 -1.75 -22.44 -7.16
C LYS A 28 -0.64 -21.49 -7.54
N TYR A 29 -0.54 -20.33 -6.88
CA TYR A 29 0.61 -19.48 -7.10
C TYR A 29 1.74 -19.99 -6.23
N LYS A 30 2.99 -19.79 -6.60
CA LYS A 30 4.09 -20.27 -5.77
C LYS A 30 4.11 -19.50 -4.45
N TYR A 31 4.10 -18.17 -4.54
CA TYR A 31 4.16 -17.24 -3.40
C TYR A 31 2.76 -16.69 -3.09
N ARG A 32 1.85 -17.60 -2.74
CA ARG A 32 0.44 -17.30 -2.58
C ARG A 32 0.26 -16.09 -1.67
N ASP A 33 0.94 -16.12 -0.53
CA ASP A 33 0.68 -15.15 0.54
C ASP A 33 1.23 -13.79 0.21
N LEU A 34 2.40 -13.75 -0.41
CA LEU A 34 2.91 -12.48 -0.92
C LEU A 34 1.98 -11.78 -1.93
N THR A 35 1.49 -12.57 -2.89
CA THR A 35 0.64 -12.15 -3.97
C THR A 35 -0.68 -11.59 -3.43
N VAL A 36 -1.24 -12.27 -2.44
CA VAL A 36 -2.48 -11.79 -1.84
C VAL A 36 -2.21 -10.44 -1.14
N ARG A 37 -1.06 -10.29 -0.47
CA ARG A 37 -0.84 -9.10 0.40
C ARG A 37 -0.80 -7.89 -0.51
N GLU A 38 0.04 -7.93 -1.54
CA GLU A 38 0.09 -6.91 -2.58
C GLU A 38 -1.27 -6.62 -3.23
N THR A 39 -2.02 -7.65 -3.57
CA THR A 39 -3.28 -7.42 -4.28
C THR A 39 -4.29 -6.72 -3.39
N VAL A 40 -4.29 -7.12 -2.14
CA VAL A 40 -5.18 -6.50 -1.17
C VAL A 40 -4.79 -5.05 -1.01
N ASN A 41 -3.51 -4.72 -0.93
CA ASN A 41 -3.24 -3.33 -0.73
C ASN A 41 -3.52 -2.50 -1.95
N VAL A 42 -3.19 -3.06 -3.13
CA VAL A 42 -3.41 -2.38 -4.38
C VAL A 42 -4.93 -2.07 -4.55
N ILE A 43 -5.80 -3.07 -4.39
CA ILE A 43 -7.22 -2.85 -4.69
C ILE A 43 -7.92 -2.08 -3.62
N THR A 44 -7.28 -1.92 -2.47
CA THR A 44 -7.88 -1.11 -1.42
C THR A 44 -7.61 0.35 -1.75
N LEU A 45 -6.43 0.66 -2.30
CA LEU A 45 -6.15 2.05 -2.70
C LEU A 45 -6.79 2.49 -4.07
N TYR A 46 -6.61 1.65 -5.10
CA TYR A 46 -7.07 1.89 -6.46
C TYR A 46 -8.32 1.06 -6.60
N LYS A 47 -9.42 1.68 -6.26
CA LYS A 47 -10.67 0.96 -6.09
C LYS A 47 -11.26 0.50 -7.40
N ASP A 48 -10.83 1.05 -8.53
CA ASP A 48 -11.39 0.57 -9.81
C ASP A 48 -10.67 -0.64 -10.45
N LEU A 49 -9.64 -1.16 -9.79
CA LEU A 49 -8.98 -2.39 -10.21
C LEU A 49 -9.51 -3.71 -9.68
N LYS A 50 -10.21 -4.45 -10.53
CA LYS A 50 -10.85 -5.72 -10.13
C LYS A 50 -10.02 -6.98 -10.45
N PRO A 51 -9.91 -7.92 -9.49
CA PRO A 51 -9.20 -9.16 -9.85
C PRO A 51 -10.12 -10.11 -10.61
N VAL A 52 -9.53 -10.74 -11.61
CA VAL A 52 -10.27 -11.54 -12.58
C VAL A 52 -9.33 -12.68 -12.88
N LEU A 53 -9.94 -13.82 -13.14
CA LEU A 53 -9.25 -15.06 -13.39
C LEU A 53 -9.54 -15.41 -14.86
N ASP A 54 -8.48 -15.58 -15.64
CA ASP A 54 -8.62 -15.78 -17.07
C ASP A 54 -7.43 -16.57 -17.57
N SER A 55 -7.52 -17.06 -18.82
CA SER A 55 -6.47 -17.83 -19.40
C SER A 55 -5.43 -16.94 -20.01
N TYR A 56 -4.19 -17.36 -19.85
CA TYR A 56 -3.08 -16.63 -20.38
C TYR A 56 -2.27 -17.63 -21.18
N VAL A 57 -1.87 -17.19 -22.36
CA VAL A 57 -1.10 -18.01 -23.32
C VAL A 57 0.36 -17.53 -23.41
N PHE A 58 1.29 -18.46 -23.28
CA PHE A 58 2.71 -18.19 -23.44
C PHE A 58 3.20 -18.29 -24.90
N ASN A 59 4.43 -17.85 -25.16
CA ASN A 59 4.95 -17.88 -26.53
C ASN A 59 4.95 -19.25 -27.17
N ASP A 60 5.17 -20.27 -26.37
CA ASP A 60 5.14 -21.61 -26.90
C ASP A 60 3.74 -22.10 -27.27
N GLY A 61 2.69 -21.43 -26.78
CA GLY A 61 1.29 -21.87 -26.95
C GLY A 61 0.62 -22.50 -25.73
N SER A 62 1.38 -22.82 -24.67
CA SER A 62 0.78 -23.37 -23.40
C SER A 62 -0.06 -22.33 -22.64
N SER A 63 -1.18 -22.74 -22.08
CA SER A 63 -1.96 -21.77 -21.35
C SER A 63 -1.98 -22.18 -19.92
N ARG A 64 -2.07 -21.16 -19.07
CA ARG A 64 -2.26 -21.28 -17.63
C ARG A 64 -3.36 -20.29 -17.20
N GLU A 65 -4.24 -20.74 -16.32
CA GLU A 65 -5.18 -19.84 -15.70
C GLU A 65 -4.42 -18.84 -14.76
N LEU A 66 -4.52 -17.51 -14.95
CA LEU A 66 -3.80 -16.59 -14.06
C LEU A 66 -4.71 -15.47 -13.59
N MET A 67 -4.37 -14.87 -12.46
CA MET A 67 -5.13 -13.68 -12.04
C MET A 67 -4.60 -12.45 -12.75
N ASN A 68 -5.53 -11.61 -13.20
CA ASN A 68 -5.15 -10.22 -13.49
C ASN A 68 -5.96 -9.20 -12.80
N LEU A 69 -5.35 -8.02 -12.68
CA LEU A 69 -6.04 -6.80 -12.25
C LEU A 69 -6.46 -5.99 -13.49
N THR A 70 -7.74 -5.67 -13.59
CA THR A 70 -8.28 -4.99 -14.75
C THR A 70 -9.25 -3.92 -14.29
N GLY A 71 -9.22 -2.79 -15.00
CA GLY A 71 -10.00 -1.58 -14.69
C GLY A 71 -9.21 -0.34 -14.99
N THR A 72 -9.42 0.72 -14.21
CA THR A 72 -8.79 1.99 -14.53
C THR A 72 -7.95 2.52 -13.38
N ILE A 73 -7.05 3.45 -13.69
CA ILE A 73 -6.23 4.12 -12.70
C ILE A 73 -6.38 5.57 -13.05
N PRO A 74 -6.44 6.43 -12.01
CA PRO A 74 -6.72 7.87 -12.24
C PRO A 74 -5.42 8.60 -12.63
N VAL A 75 -5.39 9.23 -13.78
CA VAL A 75 -4.14 9.83 -14.26
C VAL A 75 -4.41 11.34 -14.56
N PRO A 76 -3.74 12.25 -13.85
CA PRO A 76 -3.88 13.68 -14.13
C PRO A 76 -3.14 14.07 -15.38
N TYR A 77 -3.83 14.83 -16.21
CA TYR A 77 -3.19 15.33 -17.40
C TYR A 77 -3.80 16.65 -17.80
N ARG A 78 -2.91 17.65 -17.85
CA ARG A 78 -3.29 19.04 -18.09
C ARG A 78 -4.49 19.51 -17.25
N GLY A 79 -4.44 19.32 -15.93
CA GLY A 79 -5.54 19.73 -15.06
C GLY A 79 -6.82 18.89 -14.94
N ASN A 80 -6.99 17.82 -15.73
CA ASN A 80 -8.08 16.87 -15.49
C ASN A 80 -7.54 15.47 -15.21
N THR A 81 -8.44 14.65 -14.67
CA THR A 81 -8.10 13.31 -14.29
C THR A 81 -8.79 12.38 -15.24
N TYR A 82 -8.02 11.49 -15.83
CA TYR A 82 -8.65 10.51 -16.69
C TYR A 82 -8.57 9.13 -16.07
N ASN A 83 -9.52 8.27 -16.45
CA ASN A 83 -9.51 6.92 -15.97
C ASN A 83 -8.99 6.02 -17.00
N ILE A 84 -7.66 5.84 -17.00
CA ILE A 84 -7.02 5.13 -18.10
C ILE A 84 -7.23 3.65 -17.88
N PRO A 85 -7.72 2.92 -18.89
CA PRO A 85 -7.96 1.51 -18.71
C PRO A 85 -6.72 0.58 -18.91
N ILE A 86 -6.46 -0.31 -17.97
CA ILE A 86 -5.29 -1.19 -18.01
C ILE A 86 -5.69 -2.56 -17.49
N CYS A 87 -4.79 -3.52 -17.73
CA CYS A 87 -4.92 -4.91 -17.35
C CYS A 87 -3.52 -5.30 -16.87
N LEU A 88 -3.34 -5.91 -15.69
CA LEU A 88 -1.96 -6.30 -15.27
C LEU A 88 -2.03 -7.78 -14.92
N TRP A 89 -1.24 -8.61 -15.61
CA TRP A 89 -1.22 -10.03 -15.32
C TRP A 89 -0.14 -10.40 -14.35
N LEU A 90 -0.52 -11.04 -13.24
CA LEU A 90 0.43 -11.50 -12.24
C LEU A 90 0.84 -12.92 -12.60
N LEU A 91 2.09 -13.12 -13.04
CA LEU A 91 2.47 -14.52 -13.34
C LEU A 91 2.41 -15.37 -12.08
N ASP A 92 2.41 -16.69 -12.23
CA ASP A 92 2.24 -17.56 -11.06
C ASP A 92 3.45 -17.59 -10.11
N THR A 93 4.63 -17.20 -10.62
CA THR A 93 5.80 -16.95 -9.80
C THR A 93 5.92 -15.48 -9.32
N TYR A 94 4.84 -14.70 -9.36
CA TYR A 94 4.87 -13.34 -8.81
C TYR A 94 5.17 -13.44 -7.31
N PRO A 95 6.07 -12.59 -6.77
CA PRO A 95 6.62 -11.34 -7.30
C PRO A 95 8.07 -11.36 -7.77
N TYR A 96 8.63 -12.54 -7.99
CA TYR A 96 9.98 -12.68 -8.55
C TYR A 96 10.08 -12.28 -10.02
N ASN A 97 8.96 -12.40 -10.74
CA ASN A 97 8.88 -11.91 -12.13
C ASN A 97 7.88 -10.78 -12.29
N PRO A 98 8.19 -9.78 -13.13
CA PRO A 98 7.32 -8.62 -13.28
C PRO A 98 5.96 -9.00 -13.85
N PRO A 99 4.97 -8.15 -13.59
CA PRO A 99 3.64 -8.30 -14.18
C PRO A 99 3.73 -7.93 -15.67
N ILE A 100 2.87 -8.47 -16.49
CA ILE A 100 2.82 -8.12 -17.90
C ILE A 100 1.65 -7.15 -18.03
N CYS A 101 1.94 -5.98 -18.56
CA CYS A 101 0.99 -4.83 -18.47
C CYS A 101 0.51 -4.37 -19.85
N PHE A 102 -0.78 -4.09 -19.96
CA PHE A 102 -1.40 -3.62 -21.19
C PHE A 102 -2.32 -2.43 -20.92
N VAL A 103 -2.31 -1.44 -21.81
CA VAL A 103 -3.44 -0.47 -21.91
C VAL A 103 -4.60 -1.22 -22.63
N LYS A 104 -5.84 -1.01 -22.22
CA LYS A 104 -6.95 -1.67 -22.92
C LYS A 104 -7.93 -0.60 -23.46
N PRO A 105 -7.60 0.06 -24.58
CA PRO A 105 -8.54 1.12 -24.96
C PRO A 105 -9.96 0.59 -25.31
N THR A 106 -11.01 1.34 -24.97
CA THR A 106 -12.34 1.10 -25.54
C THR A 106 -12.35 1.51 -27.05
N SER A 107 -13.51 1.31 -27.70
CA SER A 107 -13.72 1.77 -29.09
C SER A 107 -13.71 3.28 -29.30
N SER A 108 -14.02 4.09 -28.28
CA SER A 108 -13.78 5.55 -28.41
C SER A 108 -12.31 6.03 -28.29
N MET A 109 -11.32 5.16 -28.04
CA MET A 109 -9.91 5.63 -27.91
C MET A 109 -9.02 5.03 -28.95
N THR A 110 -7.82 5.61 -29.14
CA THR A 110 -6.78 5.01 -29.90
C THR A 110 -5.43 5.07 -29.17
N ILE A 111 -4.58 4.08 -29.42
CA ILE A 111 -3.31 3.96 -28.76
C ILE A 111 -2.30 4.90 -29.38
N LYS A 112 -1.58 5.63 -28.55
CA LYS A 112 -0.48 6.44 -29.05
C LYS A 112 0.85 5.66 -28.86
N THR A 113 1.41 5.06 -29.91
CA THR A 113 2.55 4.21 -29.70
C THR A 113 3.82 5.04 -29.43
N GLY A 114 4.86 4.41 -28.92
CA GLY A 114 6.08 5.11 -28.54
C GLY A 114 6.99 4.12 -27.83
N LYS A 115 8.01 4.67 -27.19
CA LYS A 115 9.02 3.88 -26.51
C LYS A 115 8.35 3.00 -25.42
N HIS A 116 7.22 3.46 -24.87
CA HIS A 116 6.51 2.78 -23.77
C HIS A 116 5.30 1.95 -24.07
N VAL A 117 4.68 2.14 -25.24
CA VAL A 117 3.52 1.32 -25.58
C VAL A 117 3.60 0.94 -27.06
N ASP A 118 3.45 -0.33 -27.39
CA ASP A 118 3.33 -0.79 -28.75
C ASP A 118 1.88 -0.81 -29.23
N ALA A 119 1.71 -1.19 -30.50
CA ALA A 119 0.39 -1.00 -31.14
C ALA A 119 -0.67 -1.94 -30.59
N ASN A 120 -0.24 -3.01 -29.92
CA ASN A 120 -1.13 -3.91 -29.20
C ASN A 120 -1.44 -3.49 -27.77
N GLY A 121 -0.83 -2.41 -27.31
CA GLY A 121 -1.08 -1.84 -25.98
C GLY A 121 -0.15 -2.36 -24.90
N LYS A 122 0.85 -3.14 -25.31
CA LYS A 122 1.81 -3.63 -24.35
C LYS A 122 2.62 -2.44 -23.85
N ILE A 123 2.82 -2.39 -22.54
CA ILE A 123 3.55 -1.31 -21.89
C ILE A 123 4.99 -1.80 -21.57
N TYR A 124 5.96 -0.94 -21.83
CA TYR A 124 7.40 -1.19 -21.63
C TYR A 124 7.90 -0.01 -20.80
N LEU A 125 8.30 -0.31 -19.55
CA LEU A 125 8.89 0.67 -18.67
C LEU A 125 10.18 0.21 -18.04
N PRO A 126 11.11 1.13 -17.81
CA PRO A 126 12.31 0.74 -17.07
C PRO A 126 11.98 0.03 -15.73
N TYR A 127 10.90 0.41 -15.05
CA TYR A 127 10.52 -0.22 -13.78
C TYR A 127 10.22 -1.67 -14.01
N LEU A 128 9.78 -2.00 -15.23
CA LEU A 128 9.44 -3.42 -15.47
C LEU A 128 10.69 -4.19 -15.84
N HIS A 129 11.59 -3.54 -16.58
CA HIS A 129 12.75 -4.30 -17.08
C HIS A 129 13.65 -4.64 -15.92
N GLU A 130 13.72 -3.71 -14.97
CA GLU A 130 14.60 -3.78 -13.81
C GLU A 130 13.93 -4.35 -12.57
N TRP A 131 12.77 -4.98 -12.75
CA TRP A 131 12.07 -5.55 -11.62
C TRP A 131 12.97 -6.40 -10.77
N LYS A 132 12.83 -6.33 -9.45
CA LYS A 132 13.48 -7.18 -8.43
C LYS A 132 12.74 -7.09 -7.09
N HIS A 133 12.07 -8.16 -6.71
CA HIS A 133 11.51 -8.31 -5.40
C HIS A 133 12.61 -8.19 -4.34
N PRO A 134 12.35 -7.47 -3.23
CA PRO A 134 11.17 -6.66 -2.91
C PRO A 134 11.40 -5.16 -3.08
N GLN A 135 12.44 -4.74 -3.79
CA GLN A 135 12.59 -3.31 -4.12
C GLN A 135 11.48 -2.83 -5.12
N SER A 136 10.76 -3.79 -5.71
CA SER A 136 9.75 -3.55 -6.76
C SER A 136 8.46 -4.18 -6.27
N ASP A 137 7.35 -3.45 -6.38
CA ASP A 137 6.07 -4.05 -6.05
C ASP A 137 4.97 -3.35 -6.87
N LEU A 138 3.75 -3.82 -6.71
CA LEU A 138 2.64 -3.38 -7.49
C LEU A 138 2.31 -1.89 -7.23
N LEU A 139 2.31 -1.48 -5.96
CA LEU A 139 2.11 -0.08 -5.64
C LEU A 139 3.14 0.81 -6.31
N GLY A 140 4.39 0.41 -6.33
CA GLY A 140 5.44 1.32 -6.86
C GLY A 140 5.25 1.36 -8.38
N LEU A 141 4.82 0.23 -8.92
CA LEU A 141 4.53 0.17 -10.37
C LEU A 141 3.41 1.14 -10.77
N ILE A 142 2.25 1.03 -10.13
CA ILE A 142 1.17 1.91 -10.45
C ILE A 142 1.60 3.38 -10.27
N GLN A 143 2.30 3.70 -9.19
CA GLN A 143 2.79 5.07 -9.04
C GLN A 143 3.63 5.58 -10.24
N VAL A 144 4.46 4.69 -10.74
CA VAL A 144 5.29 5.01 -11.90
C VAL A 144 4.38 5.18 -13.13
N MET A 145 3.43 4.27 -13.36
CA MET A 145 2.49 4.48 -14.51
C MET A 145 1.75 5.82 -14.50
N ILE A 146 1.31 6.25 -13.34
CA ILE A 146 0.56 7.51 -13.26
C ILE A 146 1.47 8.69 -13.67
N VAL A 147 2.71 8.67 -13.19
CA VAL A 147 3.60 9.78 -13.51
C VAL A 147 3.85 9.70 -15.03
N VAL A 148 4.09 8.51 -15.56
CA VAL A 148 4.54 8.42 -16.97
C VAL A 148 3.40 8.72 -17.90
N PHE A 149 2.23 8.16 -17.59
CA PHE A 149 1.07 8.41 -18.42
C PHE A 149 0.64 9.86 -18.25
N GLY A 150 0.91 10.46 -17.07
CA GLY A 150 0.65 11.90 -16.89
C GLY A 150 1.49 12.82 -17.78
N ASP A 151 2.70 12.44 -18.16
CA ASP A 151 3.44 13.19 -19.18
C ASP A 151 3.05 12.82 -20.60
N GLU A 152 2.92 11.52 -20.87
CA GLU A 152 2.67 11.01 -22.21
C GLU A 152 1.51 9.99 -22.16
N PRO A 153 0.26 10.45 -22.25
CA PRO A 153 -0.87 9.51 -22.24
C PRO A 153 -0.71 8.43 -23.32
N PRO A 154 -1.04 7.16 -23.00
CA PRO A 154 -0.92 6.06 -23.94
C PRO A 154 -2.17 5.89 -24.77
N VAL A 155 -3.27 6.51 -24.35
CA VAL A 155 -4.54 6.50 -25.12
C VAL A 155 -4.97 7.96 -25.22
N PHE A 156 -5.42 8.36 -26.42
CA PHE A 156 -6.23 9.59 -26.57
C PHE A 156 -7.64 9.25 -27.05
N SER A 157 -8.61 10.10 -26.71
CA SER A 157 -9.95 10.02 -27.26
C SER A 157 -9.91 10.29 -28.79
N ARG A 158 -10.80 9.58 -29.49
CA ARG A 158 -11.05 9.75 -30.92
C ARG A 158 -11.93 11.00 -31.18
N PRO A 159 -11.55 11.81 -32.19
CA PRO A 159 -12.34 12.85 -32.86
C PRO A 159 -13.84 12.54 -33.03
N VAL B 17 12.28 10.58 4.54
CA VAL B 17 11.31 11.21 3.57
C VAL B 17 11.67 10.90 2.13
N SER B 18 12.83 10.26 1.94
CA SER B 18 13.22 9.71 0.65
C SER B 18 13.72 8.29 0.83
N GLU B 19 13.76 7.57 -0.29
CA GLU B 19 14.14 6.16 -0.32
C GLU B 19 15.47 5.90 0.39
N SER B 20 16.46 6.77 0.13
CA SER B 20 17.83 6.67 0.63
C SER B 20 18.02 6.76 2.16
N GLN B 21 17.30 7.71 2.78
CA GLN B 21 17.52 8.02 4.18
C GLN B 21 17.03 6.86 5.02
N LEU B 22 15.95 6.25 4.53
CA LEU B 22 15.33 5.09 5.18
C LEU B 22 16.28 3.90 5.25
N LYS B 23 17.02 3.72 4.14
CA LYS B 23 18.07 2.70 4.01
C LYS B 23 19.07 2.75 5.16
N LYS B 24 19.79 3.87 5.25
CA LYS B 24 20.60 4.17 6.43
C LYS B 24 19.84 3.70 7.71
N MET B 25 18.78 4.42 8.06
CA MET B 25 18.11 4.28 9.35
C MET B 25 17.84 2.83 9.80
N VAL B 26 17.63 1.88 8.89
CA VAL B 26 17.35 0.49 9.31
C VAL B 26 18.43 -0.54 8.93
N SER B 27 19.51 -0.02 8.35
CA SER B 27 20.63 -0.87 7.92
C SER B 27 21.01 -1.96 8.95
N LYS B 28 20.77 -1.75 10.24
CA LYS B 28 20.99 -2.81 11.23
C LYS B 28 19.86 -3.91 11.43
N TYR B 29 18.72 -3.86 10.56
CA TYR B 29 17.51 -4.78 10.69
C TYR B 29 17.89 -6.10 10.00
N LYS B 30 17.17 -7.20 10.46
CA LYS B 30 17.29 -8.56 9.89
C LYS B 30 16.74 -8.70 8.46
N TYR B 31 15.67 -7.97 8.20
CA TYR B 31 15.06 -8.03 6.88
C TYR B 31 14.95 -6.63 6.38
N ARG B 32 16.11 -6.03 6.11
CA ARG B 32 16.09 -4.58 5.82
C ARG B 32 15.14 -4.21 4.69
N ASP B 33 15.20 -4.93 3.56
CA ASP B 33 14.54 -4.43 2.35
C ASP B 33 13.07 -4.58 2.41
N LEU B 34 12.59 -5.64 3.06
CA LEU B 34 11.19 -5.79 3.34
C LEU B 34 10.72 -4.57 4.14
N THR B 35 11.59 -4.10 5.03
CA THR B 35 11.31 -3.06 6.00
C THR B 35 11.12 -1.68 5.39
N VAL B 36 12.08 -1.27 4.58
CA VAL B 36 11.93 -0.04 3.82
C VAL B 36 10.69 -0.06 2.91
N ARG B 37 10.38 -1.22 2.32
CA ARG B 37 9.33 -1.27 1.31
C ARG B 37 8.02 -0.94 1.99
N GLU B 38 7.70 -1.69 3.07
CA GLU B 38 6.52 -1.47 3.88
C GLU B 38 6.42 0.00 4.27
N THR B 39 7.55 0.62 4.49
CA THR B 39 7.62 1.93 5.09
C THR B 39 7.31 3.00 4.07
N VAL B 40 7.99 2.96 2.93
CA VAL B 40 7.72 3.78 1.77
C VAL B 40 6.21 3.76 1.44
N ASN B 41 5.61 2.57 1.41
CA ASN B 41 4.18 2.53 1.11
C ASN B 41 3.34 3.21 2.17
N VAL B 42 3.64 2.99 3.44
CA VAL B 42 2.92 3.58 4.55
C VAL B 42 2.93 5.10 4.50
N ILE B 43 4.11 5.69 4.27
CA ILE B 43 4.25 7.14 4.38
C ILE B 43 3.74 7.83 3.14
N THR B 44 3.58 7.06 2.06
CA THR B 44 3.00 7.57 0.82
C THR B 44 1.49 7.69 0.98
N LEU B 45 0.87 6.77 1.69
CA LEU B 45 -0.56 6.80 1.90
C LEU B 45 -0.97 7.64 3.13
N TYR B 46 -0.21 7.56 4.21
CA TYR B 46 -0.52 8.27 5.40
C TYR B 46 0.53 9.38 5.58
N LYS B 47 0.26 10.51 4.95
CA LYS B 47 1.21 11.62 4.78
C LYS B 47 1.76 12.23 6.08
N ASP B 48 1.07 12.01 7.18
CA ASP B 48 1.48 12.64 8.42
C ASP B 48 2.31 11.69 9.31
N LEU B 49 2.72 10.53 8.78
CA LEU B 49 3.57 9.62 9.52
C LEU B 49 5.00 9.88 9.10
N LYS B 50 5.85 10.10 10.09
CA LYS B 50 7.26 10.39 9.82
C LYS B 50 8.15 9.31 10.38
N PRO B 51 9.12 8.87 9.56
CA PRO B 51 10.18 7.98 10.03
C PRO B 51 11.11 8.82 10.93
N VAL B 52 11.36 8.36 12.13
CA VAL B 52 12.25 9.13 13.00
C VAL B 52 13.28 8.23 13.67
N LEU B 53 14.54 8.54 13.33
CA LEU B 53 15.68 7.89 13.95
C LEU B 53 15.71 8.52 15.31
N ASP B 54 15.40 7.70 16.31
CA ASP B 54 15.40 8.16 17.67
C ASP B 54 15.74 6.98 18.55
N SER B 55 16.54 7.27 19.59
CA SER B 55 16.88 6.31 20.64
C SER B 55 15.63 5.74 21.33
N TYR B 56 15.57 4.41 21.36
CA TYR B 56 14.53 3.68 22.09
C TYR B 56 15.22 3.04 23.26
N VAL B 57 14.44 2.62 24.25
CA VAL B 57 14.94 1.85 25.43
C VAL B 57 14.52 0.37 25.39
N PHE B 58 13.22 0.09 25.48
CA PHE B 58 12.72 -1.31 25.48
C PHE B 58 12.42 -1.73 26.91
N ASN B 59 12.52 -3.02 27.22
CA ASN B 59 12.28 -3.55 28.59
C ASN B 59 13.56 -3.57 29.47
N ASP B 60 14.62 -4.28 29.08
CA ASP B 60 15.94 -4.23 29.78
C ASP B 60 17.17 -4.32 28.88
N GLY B 61 18.17 -3.48 29.10
CA GLY B 61 18.08 -2.26 29.87
C GLY B 61 18.81 -1.21 29.05
N SER B 62 19.44 -1.62 27.94
CA SER B 62 20.12 -0.69 27.02
C SER B 62 19.20 0.13 26.11
N SER B 63 19.74 1.26 25.68
CA SER B 63 19.11 2.12 24.68
C SER B 63 19.24 1.43 23.32
N ARG B 64 18.37 0.42 23.19
CA ARG B 64 18.12 -0.47 22.04
C ARG B 64 17.49 0.32 20.88
N GLU B 65 18.33 0.77 19.94
CA GLU B 65 17.92 1.63 18.81
C GLU B 65 16.93 0.92 17.87
N LEU B 66 15.71 1.41 17.79
CA LEU B 66 14.75 0.86 16.88
C LEU B 66 14.21 2.04 16.08
N MET B 67 13.61 1.81 14.89
CA MET B 67 12.87 2.86 14.11
C MET B 67 11.42 2.89 14.48
N ASN B 68 10.98 4.15 14.57
CA ASN B 68 9.60 4.52 14.84
C ASN B 68 8.96 5.29 13.66
N LEU B 69 7.69 5.04 13.45
CA LEU B 69 6.92 5.95 12.60
C LEU B 69 6.08 6.78 13.57
N THR B 70 6.20 8.09 13.43
CA THR B 70 5.52 8.95 14.40
C THR B 70 4.66 10.02 13.72
N GLY B 71 3.49 10.26 14.31
CA GLY B 71 2.58 11.36 13.83
C GLY B 71 1.10 10.98 14.02
N THR B 72 0.24 11.36 13.07
CA THR B 72 -1.20 11.07 13.19
C THR B 72 -1.76 10.19 12.07
N ILE B 73 -2.81 9.41 12.37
CA ILE B 73 -3.60 8.77 11.32
C ILE B 73 -5.06 9.27 11.39
N PRO B 74 -5.79 9.32 10.26
CA PRO B 74 -7.16 9.89 10.24
C PRO B 74 -8.09 8.78 10.67
N VAL B 75 -8.87 9.04 11.70
CA VAL B 75 -9.87 8.11 12.19
C VAL B 75 -11.24 8.81 12.24
N PRO B 76 -12.20 8.32 11.43
CA PRO B 76 -13.56 8.86 11.38
C PRO B 76 -14.35 8.36 12.55
N TYR B 77 -15.14 9.23 13.14
CA TYR B 77 -15.94 8.87 14.27
C TYR B 77 -17.09 9.85 14.36
N ARG B 78 -18.32 9.32 14.24
CA ARG B 78 -19.54 10.09 14.53
C ARG B 78 -19.55 11.44 13.80
N GLY B 79 -19.32 11.40 12.51
CA GLY B 79 -19.35 12.61 11.71
C GLY B 79 -18.03 13.36 11.52
N ASN B 80 -16.96 12.98 12.22
CA ASN B 80 -15.71 13.73 12.10
C ASN B 80 -14.52 12.82 11.88
N THR B 81 -13.48 13.38 11.27
CA THR B 81 -12.21 12.74 11.19
C THR B 81 -11.29 13.38 12.22
N TYR B 82 -10.87 12.59 13.20
CA TYR B 82 -9.82 12.94 14.15
C TYR B 82 -8.44 12.45 13.70
N ASN B 83 -7.43 13.24 14.04
CA ASN B 83 -6.06 12.88 13.76
C ASN B 83 -5.42 12.33 15.04
N ILE B 84 -5.52 11.02 15.18
CA ILE B 84 -5.13 10.32 16.39
C ILE B 84 -3.59 10.14 16.36
N PRO B 85 -2.87 10.61 17.37
CA PRO B 85 -1.37 10.66 17.38
C PRO B 85 -0.86 9.30 17.83
N ILE B 86 -0.04 8.66 16.99
CA ILE B 86 0.50 7.30 17.32
C ILE B 86 2.02 7.28 17.11
N CYS B 87 2.67 6.23 17.60
CA CYS B 87 4.15 6.01 17.40
C CYS B 87 4.27 4.50 17.16
N LEU B 88 4.83 4.09 16.04
CA LEU B 88 4.84 2.61 15.79
C LEU B 88 6.32 2.21 15.79
N TRP B 89 6.63 1.29 16.69
CA TRP B 89 8.03 0.90 16.91
C TRP B 89 8.35 -0.27 16.05
N LEU B 90 9.34 -0.13 15.17
CA LEU B 90 9.77 -1.30 14.32
C LEU B 90 10.88 -2.19 14.91
N LEU B 91 10.52 -3.42 15.30
CA LEU B 91 11.56 -4.28 15.94
C LEU B 91 12.63 -4.74 14.94
N ASP B 92 13.86 -5.07 15.36
CA ASP B 92 14.82 -5.40 14.29
C ASP B 92 14.57 -6.71 13.58
N THR B 93 13.73 -7.60 14.13
CA THR B 93 13.11 -8.70 13.35
C THR B 93 11.83 -8.38 12.51
N TYR B 94 11.59 -7.08 12.23
CA TYR B 94 10.51 -6.66 11.32
C TYR B 94 10.83 -7.24 9.90
N PRO B 95 10.00 -8.14 9.40
CA PRO B 95 8.59 -8.20 9.80
C PRO B 95 8.08 -9.46 10.36
N TYR B 96 8.96 -10.34 10.76
CA TYR B 96 8.42 -11.59 11.31
C TYR B 96 7.96 -11.44 12.76
N ASN B 97 8.35 -10.37 13.45
CA ASN B 97 7.68 -9.93 14.71
C ASN B 97 7.07 -8.51 14.74
N PRO B 98 5.95 -8.36 15.47
CA PRO B 98 5.29 -7.07 15.53
C PRO B 98 6.09 -5.76 15.53
N PRO B 99 5.34 -4.68 15.29
CA PRO B 99 5.96 -3.42 15.64
C PRO B 99 5.43 -3.12 17.07
N ILE B 100 6.02 -2.22 17.84
CA ILE B 100 5.37 -2.02 19.17
C ILE B 100 4.54 -0.74 19.19
N CYS B 101 3.29 -0.82 19.64
CA CYS B 101 2.40 0.34 19.31
C CYS B 101 1.98 1.32 20.42
N PHE B 102 2.23 2.62 20.23
CA PHE B 102 1.73 3.64 21.17
C PHE B 102 0.80 4.73 20.60
N VAL B 103 -0.27 5.01 21.33
CA VAL B 103 -0.98 6.29 21.34
C VAL B 103 -0.14 7.38 22.05
N LYS B 104 0.11 8.53 21.43
CA LYS B 104 0.90 9.59 22.04
C LYS B 104 0.12 10.90 22.30
N PRO B 105 -0.72 10.93 23.35
CA PRO B 105 -1.62 12.10 23.60
C PRO B 105 -0.93 13.45 23.74
N THR B 106 -1.51 14.50 23.17
CA THR B 106 -1.00 15.87 23.43
C THR B 106 -1.53 16.33 24.79
N SER B 107 -1.15 17.51 25.26
CA SER B 107 -1.54 17.91 26.63
C SER B 107 -3.04 18.22 26.73
N SER B 108 -3.67 18.44 25.56
CA SER B 108 -5.13 18.63 25.40
C SER B 108 -5.96 17.34 25.34
N MET B 109 -5.37 16.19 25.66
CA MET B 109 -6.11 14.90 25.67
C MET B 109 -5.67 13.95 26.78
N THR B 110 -6.56 13.03 27.16
CA THR B 110 -6.20 11.94 28.02
C THR B 110 -6.51 10.58 27.39
N ILE B 111 -5.77 9.56 27.80
CA ILE B 111 -6.02 8.20 27.35
C ILE B 111 -7.27 7.62 27.98
N LYS B 112 -8.11 6.97 27.18
CA LYS B 112 -9.23 6.21 27.77
C LYS B 112 -8.84 4.74 27.68
N THR B 113 -8.61 4.11 28.84
CA THR B 113 -8.22 2.70 28.87
C THR B 113 -9.41 1.80 28.61
N GLY B 114 -9.11 0.66 27.98
CA GLY B 114 -10.12 -0.35 27.61
C GLY B 114 -9.37 -1.56 27.11
N LYS B 115 -10.06 -2.46 26.41
CA LYS B 115 -9.43 -3.70 25.91
C LYS B 115 -8.12 -3.49 25.11
N HIS B 116 -7.98 -2.38 24.40
CA HIS B 116 -6.87 -2.22 23.45
C HIS B 116 -5.80 -1.25 23.83
N VAL B 117 -6.14 -0.42 24.83
CA VAL B 117 -5.25 0.64 25.33
C VAL B 117 -4.93 0.51 26.83
N ASP B 118 -3.67 0.76 27.19
CA ASP B 118 -3.26 0.85 28.59
C ASP B 118 -2.68 2.24 28.92
N ALA B 119 -2.60 2.53 30.21
CA ALA B 119 -2.53 3.89 30.76
C ALA B 119 -1.32 4.62 30.28
N ASN B 120 -0.28 3.85 29.96
CA ASN B 120 0.89 4.34 29.22
C ASN B 120 0.62 4.63 27.71
N GLY B 121 -0.56 4.23 27.22
CA GLY B 121 -0.86 4.33 25.80
C GLY B 121 -0.46 3.17 24.87
N LYS B 122 0.07 2.07 25.42
CA LYS B 122 0.57 0.95 24.60
C LYS B 122 -0.64 0.29 24.00
N ILE B 123 -0.61 0.04 22.68
CA ILE B 123 -1.78 -0.58 22.02
C ILE B 123 -1.60 -2.08 22.02
N TYR B 124 -2.70 -2.75 22.29
CA TYR B 124 -2.85 -4.18 22.24
C TYR B 124 -3.92 -4.59 21.23
N LEU B 125 -3.57 -5.40 20.22
CA LEU B 125 -4.61 -5.90 19.27
C LEU B 125 -4.60 -7.40 18.93
N PRO B 126 -5.75 -7.99 18.55
CA PRO B 126 -5.70 -9.37 18.02
C PRO B 126 -4.79 -9.50 16.82
N TYR B 127 -4.90 -8.55 15.88
CA TYR B 127 -4.01 -8.50 14.75
C TYR B 127 -2.55 -8.53 15.21
N LEU B 128 -2.30 -8.13 16.43
CA LEU B 128 -0.91 -8.01 16.89
C LEU B 128 -0.48 -9.24 17.70
N HIS B 129 -1.44 -9.94 18.28
CA HIS B 129 -1.20 -11.11 19.13
C HIS B 129 -1.21 -12.36 18.27
N GLU B 130 -1.76 -12.25 17.07
CA GLU B 130 -1.75 -13.34 16.10
C GLU B 130 -1.07 -12.93 14.83
N TRP B 131 0.05 -12.22 14.90
CA TRP B 131 0.68 -11.68 13.71
C TRP B 131 1.54 -12.66 12.97
N LYS B 132 1.16 -12.98 11.74
CA LYS B 132 2.01 -13.83 10.87
C LYS B 132 2.38 -13.09 9.54
N HIS B 133 3.63 -12.65 9.41
CA HIS B 133 4.10 -12.27 8.13
C HIS B 133 3.92 -13.43 7.09
N PRO B 134 3.48 -13.13 5.84
CA PRO B 134 3.20 -11.80 5.34
C PRO B 134 1.72 -11.52 5.27
N GLN B 135 0.89 -12.34 5.91
CA GLN B 135 -0.57 -12.06 5.94
C GLN B 135 -0.87 -10.76 6.74
N SER B 136 0.13 -10.36 7.50
CA SER B 136 0.07 -9.23 8.42
C SER B 136 1.13 -8.28 7.91
N ASP B 137 0.80 -6.97 7.83
CA ASP B 137 1.79 -5.94 7.41
C ASP B 137 1.59 -4.49 7.96
N LEU B 138 2.50 -3.54 7.76
CA LEU B 138 2.18 -2.20 8.28
C LEU B 138 0.79 -1.65 7.80
N LEU B 139 0.45 -1.83 6.52
CA LEU B 139 -0.75 -1.23 5.92
C LEU B 139 -1.91 -1.95 6.49
N GLY B 140 -1.83 -3.28 6.61
CA GLY B 140 -2.89 -4.04 7.25
C GLY B 140 -3.09 -3.64 8.72
N LEU B 141 -1.99 -3.42 9.46
CA LEU B 141 -2.09 -2.87 10.87
C LEU B 141 -2.82 -1.50 11.03
N ILE B 142 -2.43 -0.49 10.25
CA ILE B 142 -3.10 0.82 10.32
C ILE B 142 -4.60 0.74 10.01
N GLN B 143 -4.96 -0.10 9.03
CA GLN B 143 -6.35 -0.21 8.65
C GLN B 143 -7.13 -0.75 9.78
N VAL B 144 -6.59 -1.80 10.41
CA VAL B 144 -7.15 -2.38 11.65
C VAL B 144 -7.33 -1.34 12.79
N MET B 145 -6.28 -0.57 13.06
CA MET B 145 -6.31 0.53 14.06
C MET B 145 -7.41 1.53 13.75
N ILE B 146 -7.53 1.90 12.48
CA ILE B 146 -8.58 2.83 12.07
C ILE B 146 -10.00 2.30 12.37
N VAL B 147 -10.21 1.02 12.08
CA VAL B 147 -11.50 0.40 12.39
C VAL B 147 -11.65 0.34 13.91
N VAL B 148 -10.70 -0.28 14.58
CA VAL B 148 -10.89 -0.44 16.04
C VAL B 148 -11.02 0.94 16.69
N PHE B 149 -10.12 1.88 16.37
CA PHE B 149 -10.23 3.23 16.98
C PHE B 149 -11.53 3.88 16.53
N GLY B 150 -12.03 3.47 15.38
CA GLY B 150 -13.29 3.99 14.85
C GLY B 150 -14.46 3.51 15.70
N ASP B 151 -14.33 2.30 16.23
CA ASP B 151 -15.27 1.76 17.22
C ASP B 151 -15.14 2.40 18.58
N GLU B 152 -13.90 2.57 19.06
CA GLU B 152 -13.67 3.03 20.42
C GLU B 152 -12.43 3.91 20.45
N PRO B 153 -12.62 5.24 20.42
CA PRO B 153 -11.46 6.12 20.41
C PRO B 153 -10.58 5.87 21.64
N PRO B 154 -9.27 5.81 21.42
CA PRO B 154 -8.26 5.60 22.46
C PRO B 154 -7.88 6.89 23.21
N VAL B 155 -8.43 8.02 22.79
CA VAL B 155 -8.13 9.28 23.47
C VAL B 155 -9.33 10.17 23.36
N PHE B 156 -9.51 10.98 24.39
CA PHE B 156 -10.60 11.93 24.45
C PHE B 156 -9.97 13.31 24.71
N SER B 157 -10.44 14.28 23.97
CA SER B 157 -10.08 15.68 24.15
C SER B 157 -10.67 16.11 25.49
N ARG B 158 -9.96 16.93 26.25
CA ARG B 158 -10.45 17.25 27.57
C ARG B 158 -10.94 18.68 27.68
N ILE C 1 -16.74 2.79 -12.67
CA ILE C 1 -16.15 4.03 -13.27
C ILE C 1 -16.02 3.78 -14.78
N LEU C 2 -16.36 4.79 -15.57
CA LEU C 2 -16.17 4.76 -17.03
C LEU C 2 -14.77 5.17 -17.44
N PRO C 3 -14.15 4.37 -18.32
CA PRO C 3 -12.84 4.72 -18.87
C PRO C 3 -12.87 6.00 -19.72
N THR C 4 -12.02 6.97 -19.40
CA THR C 4 -11.84 8.16 -20.24
C THR C 4 -10.37 8.36 -20.62
N ALA C 5 -10.17 9.09 -21.72
CA ALA C 5 -8.87 9.42 -22.30
C ALA C 5 -8.96 10.87 -22.80
N PRO C 6 -7.85 11.59 -22.80
CA PRO C 6 -7.82 12.99 -23.13
C PRO C 6 -8.00 13.17 -24.62
N PRO C 7 -8.67 14.26 -25.01
CA PRO C 7 -8.91 14.51 -26.42
C PRO C 7 -7.56 14.83 -27.07
N GLU C 8 -7.43 14.47 -28.34
CA GLU C 8 -6.34 15.01 -29.11
C GLU C 8 -6.88 16.25 -29.83
N TYR C 9 -6.12 17.33 -29.77
CA TYR C 9 -6.56 18.52 -30.48
C TYR C 9 -6.08 18.52 -31.95
N ILE D 1 0.37 18.58 10.75
CA ILE D 1 -1.01 18.98 11.21
C ILE D 1 -1.33 18.54 12.64
N LEU D 2 -2.14 19.35 13.31
CA LEU D 2 -2.52 19.13 14.70
C LEU D 2 -3.31 17.84 14.99
N PRO D 3 -2.88 17.10 16.03
CA PRO D 3 -3.58 15.92 16.53
C PRO D 3 -4.86 16.32 17.24
N THR D 4 -5.96 15.63 16.94
CA THR D 4 -7.26 15.89 17.59
C THR D 4 -7.90 14.60 18.13
N ALA D 5 -8.82 14.75 19.08
CA ALA D 5 -9.53 13.65 19.75
C ALA D 5 -11.00 14.05 20.01
N PRO D 6 -11.97 13.11 19.88
CA PRO D 6 -13.37 13.51 20.15
C PRO D 6 -13.59 13.89 21.63
N PRO D 7 -14.58 14.79 21.91
CA PRO D 7 -14.88 15.32 23.26
C PRO D 7 -15.34 14.22 24.21
N GLU D 8 -15.27 14.46 25.51
CA GLU D 8 -15.75 13.42 26.41
C GLU D 8 -17.29 13.33 26.53
N TYR D 9 -18.00 14.33 26.01
CA TYR D 9 -19.48 14.33 25.96
C TYR D 9 -20.00 14.54 24.53
S SO4 E . 4.74 -0.64 -32.66
O1 SO4 E . 4.80 -0.04 -31.32
O2 SO4 E . 6.06 -1.21 -32.96
O3 SO4 E . 3.77 -1.77 -32.69
O4 SO4 E . 4.35 0.50 -33.54
#